data_1O9F
#
_entry.id   1O9F
#
_cell.length_a   108.800
_cell.length_b   108.800
_cell.length_c   135.700
_cell.angle_alpha   90.00
_cell.angle_beta   90.00
_cell.angle_gamma   120.00
#
_symmetry.space_group_name_H-M   'P 65 2 2'
#
loop_
_entity.id
_entity.type
_entity.pdbx_description
1 polymer '14-3-3-LIKE PROTEIN C'
2 polymer 'PLASMA MEMBRANE H+ ATPASE'
3 non-polymer FUSICOCCIN
4 water water
#
loop_
_entity_poly.entity_id
_entity_poly.type
_entity_poly.pdbx_seq_one_letter_code
_entity_poly.pdbx_strand_id
1 'polypeptide(L)'
;MAVAPTAREENVYMAKLAEQAERYEEMVEFMEKVSNSLGSEELTVEERNLLSVAYKNVIGARRASWRIISSIEQKEESRG
NEEHVNSIREYRSKIENELSKICDGILKLLDAKLIPSAASGDSKVFYLKMKGDYHRYLAEFKTGAERKEAAESTLTAYKA
AQDIATTELAPTHPIRLGLALNFSVFYYEILNSPDRACNLAKQAFDEAIAELDTLGEESYKDSTLIMQLLRDNLTLWTSD
MQDDGADEIKEDPKPDEAKN
;
A
2 'polypeptide(L)' QSY(TPO)V P
#
# COMPACT_ATOMS: atom_id res chain seq x y z
N PRO A 5 7.96 -31.90 -8.33
CA PRO A 5 7.22 -30.71 -7.83
C PRO A 5 6.91 -29.75 -8.97
N THR A 6 5.70 -29.20 -8.95
CA THR A 6 5.27 -28.25 -9.98
C THR A 6 6.15 -27.01 -10.03
N ALA A 7 6.13 -26.31 -11.16
CA ALA A 7 6.91 -25.11 -11.33
C ALA A 7 6.40 -24.04 -10.35
N ARG A 8 5.09 -23.83 -10.35
CA ARG A 8 4.47 -22.86 -9.45
C ARG A 8 4.90 -23.13 -8.02
N GLU A 9 4.91 -24.40 -7.64
CA GLU A 9 5.33 -24.78 -6.31
C GLU A 9 6.76 -24.33 -6.02
N GLU A 10 7.61 -24.39 -7.05
CA GLU A 10 9.01 -23.99 -6.91
C GLU A 10 9.16 -22.48 -6.73
N ASN A 11 8.54 -21.69 -7.60
CA ASN A 11 8.62 -20.24 -7.49
C ASN A 11 8.21 -19.77 -6.11
N VAL A 12 7.14 -20.37 -5.58
CA VAL A 12 6.62 -20.02 -4.28
C VAL A 12 7.69 -20.29 -3.24
N TYR A 13 8.26 -21.48 -3.28
CA TYR A 13 9.30 -21.85 -2.33
C TYR A 13 10.48 -20.89 -2.46
N MET A 14 10.80 -20.56 -3.70
CA MET A 14 11.90 -19.65 -4.01
C MET A 14 11.60 -18.26 -3.40
N ALA A 15 10.38 -17.76 -3.61
CA ALA A 15 10.00 -16.46 -3.07
C ALA A 15 10.13 -16.41 -1.54
N LYS A 16 9.83 -17.53 -0.89
CA LYS A 16 9.94 -17.60 0.56
C LYS A 16 11.40 -17.62 0.97
N LEU A 17 12.25 -18.06 0.05
CA LEU A 17 13.69 -18.05 0.30
C LEU A 17 14.16 -16.60 0.11
N ALA A 18 13.76 -16.00 -1.02
CA ALA A 18 14.10 -14.62 -1.30
C ALA A 18 13.74 -13.74 -0.11
N GLU A 19 12.56 -13.99 0.48
CA GLU A 19 12.10 -13.24 1.64
C GLU A 19 13.05 -13.44 2.81
N GLN A 20 13.36 -14.70 3.12
CA GLN A 20 14.28 -14.97 4.22
C GLN A 20 15.62 -14.26 3.98
N ALA A 21 16.13 -14.36 2.76
CA ALA A 21 17.41 -13.74 2.41
C ALA A 21 17.27 -12.23 2.24
N GLU A 22 16.02 -11.76 2.29
CA GLU A 22 15.69 -10.33 2.15
C GLU A 22 16.06 -9.71 0.81
N ARG A 23 15.89 -10.45 -0.26
CA ARG A 23 16.17 -9.93 -1.59
C ARG A 23 14.77 -9.80 -2.20
N TYR A 24 14.11 -8.69 -1.89
CA TYR A 24 12.75 -8.48 -2.34
C TYR A 24 12.51 -8.31 -3.83
N GLU A 25 13.45 -7.72 -4.56
CA GLU A 25 13.24 -7.57 -6.00
C GLU A 25 13.08 -8.97 -6.59
N GLU A 26 13.85 -9.92 -6.07
CA GLU A 26 13.78 -11.29 -6.53
C GLU A 26 12.49 -11.97 -6.04
N MET A 27 12.13 -11.71 -4.79
CA MET A 27 10.90 -12.26 -4.23
C MET A 27 9.74 -11.77 -5.12
N VAL A 28 9.82 -10.52 -5.54
CA VAL A 28 8.79 -9.98 -6.40
C VAL A 28 8.73 -10.78 -7.69
N GLU A 29 9.89 -10.94 -8.35
CA GLU A 29 9.96 -11.66 -9.62
C GLU A 29 9.37 -13.07 -9.58
N PHE A 30 9.65 -13.79 -8.49
CA PHE A 30 9.15 -15.15 -8.33
C PHE A 30 7.64 -15.16 -8.20
N MET A 31 7.09 -14.31 -7.34
CA MET A 31 5.64 -14.27 -7.17
C MET A 31 5.01 -13.70 -8.44
N GLU A 32 5.77 -12.91 -9.18
CA GLU A 32 5.27 -12.32 -10.40
C GLU A 32 5.13 -13.44 -11.45
N LYS A 33 5.96 -14.46 -11.34
CA LYS A 33 5.88 -15.59 -12.25
C LYS A 33 4.66 -16.41 -11.89
N VAL A 34 4.53 -16.76 -10.61
CA VAL A 34 3.40 -17.55 -10.14
C VAL A 34 2.11 -16.84 -10.51
N SER A 35 2.14 -15.52 -10.49
CA SER A 35 0.96 -14.74 -10.83
C SER A 35 0.60 -15.01 -12.29
N ASN A 36 1.51 -14.68 -13.19
CA ASN A 36 1.28 -14.89 -14.60
C ASN A 36 1.18 -16.39 -14.94
N SER A 37 1.50 -17.23 -13.95
CA SER A 37 1.45 -18.69 -14.10
C SER A 37 0.00 -19.11 -14.38
N LEU A 38 -0.78 -19.30 -13.33
CA LEU A 38 -2.18 -19.67 -13.50
C LEU A 38 -2.95 -18.53 -14.17
N GLY A 39 -4.04 -18.88 -14.84
CA GLY A 39 -4.86 -17.89 -15.50
C GLY A 39 -6.27 -17.98 -14.95
N SER A 40 -6.83 -19.18 -15.04
CA SER A 40 -8.19 -19.42 -14.56
C SER A 40 -8.33 -19.13 -13.06
N GLU A 41 -7.53 -19.80 -12.23
CA GLU A 41 -7.60 -19.61 -10.79
C GLU A 41 -6.80 -18.40 -10.30
N GLU A 42 -7.01 -18.02 -9.04
CA GLU A 42 -6.30 -16.88 -8.45
C GLU A 42 -5.30 -17.36 -7.40
N LEU A 43 -4.36 -16.48 -7.05
CA LEU A 43 -3.32 -16.81 -6.08
C LEU A 43 -3.94 -17.21 -4.75
N THR A 44 -3.31 -18.13 -4.03
CA THR A 44 -3.82 -18.55 -2.72
C THR A 44 -3.66 -17.39 -1.73
N VAL A 45 -4.15 -17.55 -0.52
CA VAL A 45 -4.00 -16.49 0.47
C VAL A 45 -2.50 -16.26 0.70
N GLU A 46 -1.76 -17.36 0.83
CA GLU A 46 -0.33 -17.27 1.05
C GLU A 46 0.38 -16.59 -0.13
N GLU A 47 0.01 -16.98 -1.34
CA GLU A 47 0.62 -16.40 -2.54
C GLU A 47 0.30 -14.92 -2.68
N ARG A 48 -0.99 -14.59 -2.56
CA ARG A 48 -1.46 -13.21 -2.63
C ARG A 48 -0.70 -12.35 -1.61
N ASN A 49 -0.53 -12.89 -0.40
CA ASN A 49 0.19 -12.18 0.65
C ASN A 49 1.69 -12.01 0.36
N LEU A 50 2.33 -13.06 -0.16
CA LEU A 50 3.75 -13.01 -0.51
C LEU A 50 3.98 -11.95 -1.61
N LEU A 51 3.05 -11.85 -2.55
CA LEU A 51 3.20 -10.89 -3.63
C LEU A 51 3.18 -9.45 -3.15
N SER A 52 2.29 -9.11 -2.21
CA SER A 52 2.23 -7.75 -1.73
C SER A 52 3.31 -7.46 -0.69
N VAL A 53 3.67 -8.45 0.13
CA VAL A 53 4.74 -8.21 1.10
C VAL A 53 6.02 -7.92 0.31
N ALA A 54 6.19 -8.65 -0.80
CA ALA A 54 7.35 -8.46 -1.67
C ALA A 54 7.35 -7.04 -2.24
N TYR A 55 6.27 -6.65 -2.89
CA TYR A 55 6.22 -5.31 -3.46
C TYR A 55 6.33 -4.26 -2.38
N LYS A 56 5.63 -4.50 -1.28
CA LYS A 56 5.63 -3.59 -0.14
C LYS A 56 7.05 -3.26 0.30
N ASN A 57 7.90 -4.29 0.34
CA ASN A 57 9.29 -4.11 0.76
C ASN A 57 10.13 -3.45 -0.30
N VAL A 58 9.82 -3.75 -1.56
CA VAL A 58 10.57 -3.13 -2.63
C VAL A 58 10.25 -1.63 -2.65
N ILE A 59 8.97 -1.28 -2.62
CA ILE A 59 8.57 0.12 -2.64
C ILE A 59 8.97 0.80 -1.32
N GLY A 60 8.84 0.08 -0.22
CA GLY A 60 9.17 0.64 1.08
C GLY A 60 10.59 1.18 1.21
N ALA A 61 11.55 0.51 0.57
CA ALA A 61 12.93 0.95 0.65
C ALA A 61 13.07 2.31 -0.05
N ARG A 62 12.63 2.41 -1.31
CA ARG A 62 12.73 3.67 -2.03
C ARG A 62 11.95 4.75 -1.29
N ARG A 63 10.86 4.36 -0.64
CA ARG A 63 10.05 5.34 0.10
C ARG A 63 10.85 5.89 1.27
N ALA A 64 11.56 5.01 1.98
CA ALA A 64 12.38 5.44 3.10
C ALA A 64 13.51 6.33 2.57
N SER A 65 14.18 5.88 1.51
CA SER A 65 15.26 6.67 0.91
C SER A 65 14.69 8.05 0.51
N TRP A 66 13.53 8.05 -0.12
CA TRP A 66 12.91 9.29 -0.56
C TRP A 66 12.67 10.27 0.60
N ARG A 67 12.17 9.77 1.73
CA ARG A 67 11.91 10.63 2.88
C ARG A 67 13.19 11.25 3.40
N ILE A 68 14.22 10.43 3.60
CA ILE A 68 15.51 10.91 4.09
C ILE A 68 16.00 12.04 3.20
N ILE A 69 16.14 11.73 1.91
CA ILE A 69 16.62 12.70 0.95
C ILE A 69 15.75 13.97 0.99
N SER A 70 14.45 13.78 0.86
CA SER A 70 13.53 14.91 0.87
C SER A 70 13.73 15.78 2.12
N SER A 71 13.86 15.14 3.28
CA SER A 71 14.06 15.84 4.56
C SER A 71 15.34 16.66 4.56
N ILE A 72 16.38 16.09 3.98
CA ILE A 72 17.68 16.73 3.88
C ILE A 72 17.53 17.94 2.96
N GLU A 73 16.96 17.71 1.79
CA GLU A 73 16.75 18.77 0.80
C GLU A 73 16.05 19.96 1.44
N GLN A 74 15.06 19.69 2.28
CA GLN A 74 14.32 20.76 2.94
C GLN A 74 15.26 21.57 3.83
N LYS A 75 15.97 20.87 4.71
CA LYS A 75 16.91 21.53 5.61
C LYS A 75 17.92 22.37 4.86
N GLU A 76 18.40 21.87 3.73
CA GLU A 76 19.40 22.59 2.95
C GLU A 76 18.88 23.81 2.20
N GLU A 77 17.70 23.69 1.59
CA GLU A 77 17.15 24.83 0.86
C GLU A 77 16.80 25.98 1.81
N SER A 78 16.42 25.64 3.04
CA SER A 78 16.07 26.66 4.03
C SER A 78 17.33 27.12 4.73
N ARG A 79 18.47 26.63 4.28
CA ARG A 79 19.77 26.99 4.84
C ARG A 79 20.37 27.94 3.82
N GLY A 80 19.72 28.01 2.66
CA GLY A 80 20.19 28.87 1.59
C GLY A 80 21.20 28.14 0.72
N ASN A 81 21.83 27.12 1.28
CA ASN A 81 22.82 26.36 0.52
C ASN A 81 22.17 25.75 -0.71
N GLU A 82 22.47 26.33 -1.88
CA GLU A 82 21.89 25.86 -3.14
C GLU A 82 22.67 24.81 -3.92
N GLU A 83 23.99 24.82 -3.81
CA GLU A 83 24.81 23.86 -4.54
C GLU A 83 24.47 22.44 -4.11
N HIS A 84 24.10 22.30 -2.84
CA HIS A 84 23.72 21.00 -2.32
C HIS A 84 22.33 20.62 -2.80
N VAL A 85 21.40 21.55 -2.66
CA VAL A 85 20.02 21.33 -3.07
C VAL A 85 19.92 20.75 -4.49
N ASN A 86 20.78 21.20 -5.40
CA ASN A 86 20.72 20.68 -6.75
C ASN A 86 21.15 19.22 -6.83
N SER A 87 22.01 18.81 -5.92
CA SER A 87 22.48 17.43 -5.89
C SER A 87 21.49 16.57 -5.14
N ILE A 88 20.85 17.14 -4.13
CA ILE A 88 19.86 16.42 -3.34
C ILE A 88 18.72 16.05 -4.30
N ARG A 89 18.22 17.04 -5.03
CA ARG A 89 17.12 16.85 -5.97
C ARG A 89 17.50 15.96 -7.15
N GLU A 90 18.75 16.02 -7.55
CA GLU A 90 19.21 15.18 -8.64
C GLU A 90 19.12 13.74 -8.14
N TYR A 91 19.45 13.53 -6.88
CA TYR A 91 19.40 12.20 -6.28
C TYR A 91 17.94 11.78 -6.09
N ARG A 92 17.11 12.70 -5.60
CA ARG A 92 15.70 12.41 -5.39
C ARG A 92 15.04 11.96 -6.71
N SER A 93 15.34 12.65 -7.81
CA SER A 93 14.78 12.28 -9.12
C SER A 93 15.01 10.81 -9.32
N LYS A 94 16.26 10.40 -9.15
CA LYS A 94 16.64 9.00 -9.32
C LYS A 94 15.77 8.09 -8.44
N ILE A 95 15.57 8.45 -7.18
CA ILE A 95 14.75 7.64 -6.28
C ILE A 95 13.32 7.60 -6.81
N GLU A 96 12.84 8.74 -7.29
CA GLU A 96 11.49 8.85 -7.81
C GLU A 96 11.23 8.06 -9.08
N ASN A 97 12.23 7.94 -9.94
CA ASN A 97 12.05 7.17 -11.15
C ASN A 97 11.84 5.72 -10.78
N GLU A 98 12.58 5.25 -9.78
CA GLU A 98 12.44 3.87 -9.32
C GLU A 98 11.05 3.64 -8.72
N LEU A 99 10.58 4.62 -7.94
CA LEU A 99 9.27 4.52 -7.34
C LEU A 99 8.26 4.40 -8.47
N SER A 100 8.41 5.22 -9.51
CA SER A 100 7.50 5.18 -10.67
C SER A 100 7.49 3.80 -11.32
N LYS A 101 8.67 3.26 -11.60
CA LYS A 101 8.75 1.94 -12.22
C LYS A 101 8.13 0.88 -11.32
N ILE A 102 8.51 0.87 -10.05
CA ILE A 102 7.97 -0.10 -9.11
C ILE A 102 6.46 -0.06 -9.11
N CYS A 103 5.90 1.14 -8.91
CA CYS A 103 4.45 1.31 -8.89
C CYS A 103 3.79 0.82 -10.19
N ASP A 104 4.47 1.08 -11.29
CA ASP A 104 3.96 0.71 -12.61
C ASP A 104 3.88 -0.80 -12.81
N GLY A 105 4.89 -1.53 -12.35
CA GLY A 105 4.88 -2.97 -12.53
C GLY A 105 3.76 -3.68 -11.79
N ILE A 106 3.50 -3.27 -10.55
CA ILE A 106 2.46 -3.88 -9.75
C ILE A 106 1.06 -3.40 -10.16
N LEU A 107 0.97 -2.17 -10.66
CA LEU A 107 -0.33 -1.65 -11.08
C LEU A 107 -0.79 -2.36 -12.35
N LYS A 108 0.15 -2.61 -13.25
CA LYS A 108 -0.16 -3.31 -14.49
C LYS A 108 -0.52 -4.75 -14.18
N LEU A 109 0.20 -5.36 -13.24
CA LEU A 109 -0.09 -6.73 -12.87
C LEU A 109 -1.48 -6.82 -12.22
N LEU A 110 -1.89 -5.74 -11.53
CA LEU A 110 -3.18 -5.71 -10.87
C LEU A 110 -4.33 -5.70 -11.88
N ASP A 111 -4.19 -4.91 -12.94
CA ASP A 111 -5.22 -4.79 -13.97
C ASP A 111 -5.27 -5.98 -14.92
N ALA A 112 -4.10 -6.50 -15.28
CA ALA A 112 -4.01 -7.60 -16.23
C ALA A 112 -4.35 -8.97 -15.67
N LYS A 113 -3.92 -9.25 -14.45
CA LYS A 113 -4.16 -10.57 -13.88
C LYS A 113 -4.85 -10.59 -12.51
N LEU A 114 -4.25 -9.91 -11.55
CA LEU A 114 -4.74 -9.89 -10.20
C LEU A 114 -6.23 -9.61 -10.00
N ILE A 115 -6.69 -8.43 -10.41
CA ILE A 115 -8.09 -8.10 -10.23
C ILE A 115 -9.06 -8.98 -11.04
N PRO A 116 -8.76 -9.23 -12.32
CA PRO A 116 -9.68 -10.08 -13.08
C PRO A 116 -9.92 -11.46 -12.47
N SER A 117 -8.99 -11.93 -11.66
CA SER A 117 -9.12 -13.27 -11.07
C SER A 117 -9.73 -13.32 -9.68
N ALA A 118 -10.02 -12.17 -9.07
CA ALA A 118 -10.58 -12.17 -7.73
C ALA A 118 -11.97 -12.77 -7.70
N ALA A 119 -12.09 -13.98 -7.17
CA ALA A 119 -13.38 -14.65 -7.11
C ALA A 119 -14.09 -14.56 -5.74
N SER A 120 -13.81 -13.51 -4.97
CA SER A 120 -14.44 -13.37 -3.65
C SER A 120 -14.26 -11.99 -3.04
N GLY A 121 -15.00 -11.69 -1.97
CA GLY A 121 -14.87 -10.39 -1.34
C GLY A 121 -13.46 -10.21 -0.81
N ASP A 122 -12.92 -11.27 -0.24
CA ASP A 122 -11.57 -11.24 0.31
C ASP A 122 -10.53 -10.74 -0.67
N SER A 123 -10.40 -11.39 -1.81
CA SER A 123 -9.39 -10.97 -2.79
C SER A 123 -9.72 -9.68 -3.53
N LYS A 124 -11.00 -9.41 -3.76
CA LYS A 124 -11.38 -8.19 -4.46
C LYS A 124 -11.01 -6.93 -3.66
N VAL A 125 -11.24 -6.96 -2.35
CA VAL A 125 -10.90 -5.79 -1.54
C VAL A 125 -9.38 -5.70 -1.48
N PHE A 126 -8.73 -6.87 -1.38
CA PHE A 126 -7.28 -6.98 -1.30
C PHE A 126 -6.61 -6.35 -2.50
N TYR A 127 -6.99 -6.77 -3.69
CA TYR A 127 -6.37 -6.21 -4.89
C TYR A 127 -6.75 -4.76 -5.12
N LEU A 128 -7.99 -4.39 -4.81
CA LEU A 128 -8.41 -3.01 -5.02
C LEU A 128 -7.67 -2.09 -4.07
N LYS A 129 -7.32 -2.60 -2.90
CA LYS A 129 -6.58 -1.80 -1.93
C LYS A 129 -5.17 -1.54 -2.46
N MET A 130 -4.52 -2.61 -2.95
CA MET A 130 -3.18 -2.48 -3.50
C MET A 130 -3.18 -1.41 -4.58
N LYS A 131 -4.22 -1.43 -5.42
CA LYS A 131 -4.34 -0.47 -6.49
C LYS A 131 -4.28 0.93 -5.92
N GLY A 132 -5.04 1.18 -4.86
CA GLY A 132 -5.06 2.50 -4.27
C GLY A 132 -3.72 2.83 -3.61
N ASP A 133 -3.18 1.85 -2.91
CA ASP A 133 -1.90 2.02 -2.24
C ASP A 133 -0.81 2.56 -3.15
N TYR A 134 -0.64 1.93 -4.32
CA TYR A 134 0.41 2.35 -5.24
C TYR A 134 0.17 3.64 -5.97
N HIS A 135 -1.09 4.01 -6.16
CA HIS A 135 -1.36 5.30 -6.79
C HIS A 135 -1.08 6.32 -5.69
N ARG A 136 -1.21 5.88 -4.43
CA ARG A 136 -0.95 6.76 -3.30
C ARG A 136 0.55 6.99 -3.18
N TYR A 137 1.35 5.94 -3.33
CA TYR A 137 2.79 6.10 -3.24
C TYR A 137 3.26 7.10 -4.29
N LEU A 138 2.58 7.10 -5.44
CA LEU A 138 2.91 8.04 -6.50
C LEU A 138 2.59 9.45 -6.04
N ALA A 139 1.37 9.62 -5.53
CA ALA A 139 0.88 10.90 -5.04
C ALA A 139 1.77 11.54 -3.97
N GLU A 140 2.51 10.72 -3.24
CA GLU A 140 3.37 11.24 -2.19
C GLU A 140 4.48 12.13 -2.70
N PHE A 141 5.02 11.81 -3.87
CA PHE A 141 6.11 12.62 -4.41
C PHE A 141 5.72 13.46 -5.61
N LYS A 142 4.61 13.13 -6.27
CA LYS A 142 4.20 13.91 -7.43
C LYS A 142 3.64 15.24 -6.97
N THR A 143 3.59 16.21 -7.88
CA THR A 143 3.13 17.53 -7.49
C THR A 143 2.09 18.25 -8.35
N GLY A 144 2.39 18.44 -9.63
CA GLY A 144 1.47 19.16 -10.49
C GLY A 144 0.17 18.47 -10.83
N ALA A 145 0.01 18.18 -12.11
CA ALA A 145 -1.17 17.52 -12.61
C ALA A 145 -0.99 16.03 -12.37
N GLU A 146 0.27 15.63 -12.18
CA GLU A 146 0.57 14.23 -11.95
C GLU A 146 -0.01 13.83 -10.60
N ARG A 147 0.16 14.71 -9.62
CA ARG A 147 -0.36 14.47 -8.28
C ARG A 147 -1.87 14.35 -8.32
N LYS A 148 -2.51 15.31 -8.99
CA LYS A 148 -3.96 15.30 -9.10
C LYS A 148 -4.50 13.98 -9.64
N GLU A 149 -3.88 13.45 -10.69
CA GLU A 149 -4.40 12.19 -11.22
C GLU A 149 -4.04 10.97 -10.37
N ALA A 150 -2.91 11.02 -9.66
CA ALA A 150 -2.54 9.92 -8.79
C ALA A 150 -3.55 9.92 -7.65
N ALA A 151 -3.91 11.11 -7.22
CA ALA A 151 -4.88 11.27 -6.15
C ALA A 151 -6.24 10.75 -6.60
N GLU A 152 -6.70 11.19 -7.77
CA GLU A 152 -7.99 10.74 -8.29
C GLU A 152 -8.02 9.23 -8.38
N SER A 153 -6.96 8.64 -8.93
CA SER A 153 -6.86 7.17 -9.07
C SER A 153 -6.92 6.49 -7.70
N THR A 154 -6.22 7.04 -6.72
CA THR A 154 -6.22 6.49 -5.37
C THR A 154 -7.64 6.44 -4.82
N LEU A 155 -8.31 7.59 -4.87
CA LEU A 155 -9.67 7.73 -4.38
C LEU A 155 -10.63 6.74 -5.04
N THR A 156 -10.51 6.58 -6.35
CA THR A 156 -11.38 5.66 -7.07
C THR A 156 -11.18 4.22 -6.60
N ALA A 157 -9.92 3.80 -6.52
CA ALA A 157 -9.60 2.45 -6.10
C ALA A 157 -10.08 2.19 -4.67
N TYR A 158 -9.79 3.11 -3.75
CA TYR A 158 -10.21 2.93 -2.37
C TYR A 158 -11.73 2.89 -2.20
N LYS A 159 -12.44 3.75 -2.92
CA LYS A 159 -13.90 3.75 -2.83
C LYS A 159 -14.47 2.43 -3.35
N ALA A 160 -13.92 1.95 -4.46
CA ALA A 160 -14.37 0.69 -5.04
C ALA A 160 -14.08 -0.44 -4.05
N ALA A 161 -12.94 -0.34 -3.36
CA ALA A 161 -12.57 -1.34 -2.38
C ALA A 161 -13.51 -1.28 -1.18
N GLN A 162 -13.82 -0.07 -0.75
CA GLN A 162 -14.70 0.12 0.38
C GLN A 162 -16.11 -0.42 0.18
N ASP A 163 -16.68 -0.23 -1.00
CA ASP A 163 -18.02 -0.71 -1.30
C ASP A 163 -18.16 -2.20 -1.05
N ILE A 164 -17.14 -2.95 -1.50
CA ILE A 164 -17.14 -4.39 -1.33
C ILE A 164 -16.86 -4.78 0.11
N ALA A 165 -15.86 -4.15 0.73
CA ALA A 165 -15.51 -4.47 2.10
C ALA A 165 -16.67 -4.18 3.08
N THR A 166 -17.33 -3.03 2.89
CA THR A 166 -18.44 -2.64 3.76
C THR A 166 -19.59 -3.62 3.76
N THR A 167 -19.86 -4.20 2.59
CA THR A 167 -20.96 -5.15 2.47
C THR A 167 -20.56 -6.62 2.65
N GLU A 168 -19.48 -7.04 1.99
CA GLU A 168 -19.06 -8.44 2.03
C GLU A 168 -18.13 -8.95 3.13
N LEU A 169 -17.45 -8.06 3.84
CA LEU A 169 -16.54 -8.53 4.88
C LEU A 169 -16.87 -7.96 6.25
N ALA A 170 -16.48 -8.70 7.28
CA ALA A 170 -16.72 -8.28 8.66
C ALA A 170 -15.89 -7.05 9.02
N PRO A 171 -16.36 -6.27 10.00
CA PRO A 171 -15.64 -5.07 10.44
C PRO A 171 -14.32 -5.47 11.11
N THR A 172 -14.25 -6.73 11.51
CA THR A 172 -13.04 -7.25 12.17
C THR A 172 -12.05 -7.84 11.15
N HIS A 173 -12.49 -7.96 9.91
CA HIS A 173 -11.63 -8.50 8.88
C HIS A 173 -10.38 -7.61 8.69
N PRO A 174 -9.18 -8.21 8.69
CA PRO A 174 -7.94 -7.44 8.53
C PRO A 174 -7.79 -6.70 7.19
N ILE A 175 -8.26 -7.30 6.09
CA ILE A 175 -8.17 -6.62 4.80
C ILE A 175 -9.00 -5.35 4.90
N ARG A 176 -10.25 -5.49 5.34
CA ARG A 176 -11.15 -4.35 5.49
C ARG A 176 -10.61 -3.34 6.48
N LEU A 177 -10.01 -3.85 7.56
CA LEU A 177 -9.46 -3.01 8.59
C LEU A 177 -8.25 -2.24 8.05
N GLY A 178 -7.46 -2.91 7.21
CA GLY A 178 -6.30 -2.28 6.63
C GLY A 178 -6.71 -1.26 5.58
N LEU A 179 -7.81 -1.55 4.89
CA LEU A 179 -8.31 -0.64 3.87
C LEU A 179 -8.74 0.65 4.52
N ALA A 180 -9.32 0.55 5.71
CA ALA A 180 -9.77 1.73 6.42
C ALA A 180 -8.53 2.52 6.86
N LEU A 181 -7.56 1.82 7.42
CA LEU A 181 -6.33 2.45 7.88
C LEU A 181 -5.69 3.29 6.78
N ASN A 182 -5.48 2.66 5.62
CA ASN A 182 -4.85 3.34 4.50
C ASN A 182 -5.69 4.44 3.89
N PHE A 183 -6.98 4.15 3.70
CA PHE A 183 -7.91 5.12 3.12
C PHE A 183 -7.95 6.38 3.98
N SER A 184 -7.91 6.21 5.30
CA SER A 184 -7.96 7.36 6.19
C SER A 184 -6.62 8.09 6.19
N VAL A 185 -5.55 7.36 5.93
CA VAL A 185 -4.25 8.00 5.88
C VAL A 185 -4.21 8.83 4.60
N PHE A 186 -4.88 8.33 3.57
CA PHE A 186 -4.94 9.01 2.30
C PHE A 186 -5.60 10.37 2.47
N TYR A 187 -6.69 10.42 3.24
CA TYR A 187 -7.38 11.68 3.48
C TYR A 187 -6.51 12.64 4.25
N TYR A 188 -5.85 12.13 5.28
CA TYR A 188 -5.01 12.95 6.14
C TYR A 188 -3.70 13.44 5.54
N GLU A 189 -3.04 12.60 4.74
CA GLU A 189 -1.75 12.99 4.18
C GLU A 189 -1.67 13.45 2.73
N ILE A 190 -2.62 13.06 1.90
CA ILE A 190 -2.58 13.49 0.51
C ILE A 190 -3.65 14.53 0.26
N LEU A 191 -4.81 14.34 0.88
CA LEU A 191 -5.90 15.27 0.72
C LEU A 191 -5.92 16.28 1.86
N ASN A 192 -4.97 16.16 2.78
CA ASN A 192 -4.89 17.09 3.90
C ASN A 192 -6.26 17.39 4.52
N SER A 193 -7.07 16.36 4.69
CA SER A 193 -8.41 16.49 5.27
C SER A 193 -8.52 15.64 6.54
N PRO A 194 -7.90 16.10 7.64
CA PRO A 194 -7.92 15.39 8.93
C PRO A 194 -9.32 15.07 9.44
N ASP A 195 -10.30 15.82 8.96
CA ASP A 195 -11.68 15.61 9.35
C ASP A 195 -12.18 14.29 8.77
N ARG A 196 -12.13 14.17 7.45
CA ARG A 196 -12.57 12.96 6.77
C ARG A 196 -11.74 11.75 7.21
N ALA A 197 -10.46 11.97 7.48
CA ALA A 197 -9.57 10.90 7.92
C ALA A 197 -9.97 10.34 9.30
N CYS A 198 -10.11 11.23 10.28
CA CYS A 198 -10.48 10.83 11.63
C CYS A 198 -11.84 10.12 11.70
N ASN A 199 -12.80 10.62 10.91
CA ASN A 199 -14.13 10.01 10.89
C ASN A 199 -13.99 8.55 10.48
N LEU A 200 -13.37 8.35 9.33
CA LEU A 200 -13.18 7.01 8.78
C LEU A 200 -12.42 6.12 9.76
N ALA A 201 -11.26 6.57 10.19
CA ALA A 201 -10.47 5.78 11.13
C ALA A 201 -11.31 5.42 12.36
N LYS A 202 -11.91 6.43 12.98
CA LYS A 202 -12.73 6.22 14.16
C LYS A 202 -13.88 5.28 13.87
N GLN A 203 -14.56 5.48 12.76
CA GLN A 203 -15.69 4.63 12.42
C GLN A 203 -15.33 3.15 12.23
N ALA A 204 -14.22 2.89 11.55
CA ALA A 204 -13.80 1.52 11.30
C ALA A 204 -13.36 0.85 12.58
N PHE A 205 -12.68 1.62 13.42
CA PHE A 205 -12.20 1.11 14.70
C PHE A 205 -13.37 0.78 15.60
N ASP A 206 -14.34 1.69 15.64
CA ASP A 206 -15.52 1.49 16.47
C ASP A 206 -16.33 0.28 16.04
N GLU A 207 -16.56 0.14 14.74
CA GLU A 207 -17.32 -1.01 14.25
C GLU A 207 -16.62 -2.31 14.59
N ALA A 208 -15.29 -2.28 14.61
CA ALA A 208 -14.54 -3.47 14.94
C ALA A 208 -14.76 -3.82 16.41
N ILE A 209 -14.60 -2.83 17.27
CA ILE A 209 -14.79 -3.00 18.69
C ILE A 209 -16.21 -3.49 18.97
N ALA A 210 -17.19 -2.93 18.23
CA ALA A 210 -18.59 -3.31 18.40
C ALA A 210 -18.78 -4.79 18.11
N GLU A 211 -18.45 -5.18 16.88
CA GLU A 211 -18.57 -6.57 16.46
C GLU A 211 -17.83 -7.44 17.48
N LEU A 212 -16.62 -7.04 17.83
CA LEU A 212 -15.81 -7.79 18.77
C LEU A 212 -16.53 -7.96 20.11
N ASP A 213 -17.20 -6.90 20.55
CA ASP A 213 -17.93 -6.87 21.80
C ASP A 213 -19.13 -7.82 21.84
N THR A 214 -19.98 -7.74 20.83
CA THR A 214 -21.14 -8.62 20.76
C THR A 214 -20.74 -10.02 20.29
N LEU A 215 -21.10 -10.37 19.05
CA LEU A 215 -20.78 -11.68 18.50
C LEU A 215 -19.29 -12.00 18.42
N GLY A 216 -18.60 -11.44 17.54
N TYR A 220 -8.02 -11.83 16.48
CA TYR A 220 -6.98 -12.10 15.43
C TYR A 220 -5.77 -11.16 15.61
N LYS A 221 -4.59 -11.74 15.89
CA LYS A 221 -3.37 -10.94 16.07
C LYS A 221 -3.23 -10.10 14.81
N ASP A 222 -3.76 -10.66 13.75
CA ASP A 222 -3.79 -10.07 12.42
C ASP A 222 -4.48 -8.71 12.48
N SER A 223 -5.73 -8.72 12.92
CA SER A 223 -6.56 -7.52 13.02
C SER A 223 -6.25 -6.64 14.23
N THR A 224 -5.79 -7.26 15.31
CA THR A 224 -5.46 -6.52 16.52
C THR A 224 -4.37 -5.49 16.27
N LEU A 225 -3.37 -5.87 15.48
CA LEU A 225 -2.27 -4.96 15.18
C LEU A 225 -2.77 -3.80 14.32
N ILE A 226 -3.56 -4.11 13.31
CA ILE A 226 -4.08 -3.07 12.43
C ILE A 226 -4.92 -2.08 13.22
N MET A 227 -5.66 -2.58 14.21
CA MET A 227 -6.52 -1.71 15.02
C MET A 227 -5.65 -0.83 15.89
N GLN A 228 -4.53 -1.37 16.34
CA GLN A 228 -3.64 -0.59 17.18
C GLN A 228 -3.07 0.56 16.35
N LEU A 229 -2.90 0.32 15.05
CA LEU A 229 -2.39 1.34 14.15
C LEU A 229 -3.46 2.41 13.95
N LEU A 230 -4.71 1.98 13.76
CA LEU A 230 -5.79 2.92 13.58
C LEU A 230 -5.88 3.84 14.79
N ARG A 231 -5.66 3.28 15.98
CA ARG A 231 -5.73 4.08 17.19
C ARG A 231 -4.54 5.02 17.31
N ASP A 232 -3.34 4.50 17.06
CA ASP A 232 -2.15 5.33 17.13
C ASP A 232 -2.27 6.52 16.19
N ASN A 233 -2.91 6.30 15.03
CA ASN A 233 -3.08 7.39 14.07
C ASN A 233 -4.12 8.37 14.58
N LEU A 234 -5.21 7.86 15.15
CA LEU A 234 -6.26 8.71 15.68
C LEU A 234 -5.70 9.65 16.74
N THR A 235 -4.98 9.11 17.72
CA THR A 235 -4.41 9.93 18.78
C THR A 235 -3.38 10.87 18.18
N LEU A 236 -2.57 10.33 17.28
CA LEU A 236 -1.52 11.09 16.61
C LEU A 236 -2.08 12.31 15.88
N TRP A 237 -3.16 12.10 15.12
CA TRP A 237 -3.79 13.18 14.36
C TRP A 237 -4.52 14.18 15.24
N THR A 238 -4.74 13.82 16.51
CA THR A 238 -5.40 14.71 17.43
C THR A 238 -4.35 15.61 18.09
N SER A 239 -3.48 16.14 17.23
CA SER A 239 -2.38 17.02 17.61
C SER A 239 -1.96 17.79 16.35
N ASP A 240 -0.96 17.36 15.70
N GLN B 1 4.50 11.47 8.67
CA GLN B 1 3.73 10.32 8.11
C GLN B 1 2.92 9.60 9.16
N SER B 2 2.02 8.74 8.68
CA SER B 2 1.13 7.97 9.54
C SER B 2 1.30 6.49 9.26
N TYR B 3 0.78 5.67 10.17
CA TYR B 3 0.85 4.22 10.07
C TYR B 3 -0.10 3.64 9.02
N VAL B 5 -0.67 -0.22 6.41
CA VAL B 5 -0.34 -1.65 6.35
C VAL B 5 -0.50 -2.16 4.92
#